data_6GBC
#
_entry.id   6GBC
#
_cell.length_a   65.840
_cell.length_b   123.900
_cell.length_c   131.540
_cell.angle_alpha   90.00
_cell.angle_beta   90.00
_cell.angle_gamma   90.00
#
_symmetry.space_group_name_H-M   'I 2 2 2'
#
loop_
_entity.id
_entity.type
_entity.pdbx_description
1 polymer 'Molybdopterin biosynthesis protein CNX1'
2 non-polymer 'ADENOSINE MONOPHOSPHATE'
3 non-polymer 'MAGNESIUM ION'
4 non-polymer 1,2-ETHANEDIOL
5 non-polymer 'MOLYBDATE ION'
6 water water
#
_entity_poly.entity_id   1
_entity_poly.type   'polypeptide(L)'
_entity_poly.pdbx_seq_one_letter_code
;MEGQGCCGGGGGKTEMIPTEEALRIVFGVSKRLPPVIVSLYEALGKVLAEDIRAPDPLPPYPASVKDGYAVVASDGPGEY
PVITESRAGNDGLGVTVTPGTVAYVTTGGPIPDGADAVVQVEDTKVIGDVSTESKRVKILIQTKKGTDIRRVG(CSX)DI
EKDATVLTTGERIGASEIGLLATAGVTMVKVYPMPIVAILSTGDELVEPTAGTLGRGQIRDSNRAMLVAAVMQQQCKVVD
LGIVRDDRKELEKVLDEAVSSGVDIILTSGGVSMGDRDFVKPLLEEKGKVYFSKVLMKPGKPLTFAEIRAKPTESMLGKT
VLAFGLPGNPVSCLVCFNIFVVPTIRQLAGWTSPHPLRVRLRLQEPIKSDPIAPEFHRAIIKWKDNDGSGTPGFVAESTG
HQMSSRLLSMRSANALLELPATGNVLSAGSSVSAIIVSDISAFSIDKKASLSEPRSWSHPQFEK
;
_entity_poly.pdbx_strand_id   A
#
# COMPACT_ATOMS: atom_id res chain seq x y z
N GLU A 15 -33.48 4.03 -11.88
CA GLU A 15 -32.32 4.10 -12.77
C GLU A 15 -31.09 3.42 -12.12
N MET A 16 -31.10 2.07 -12.16
CA MET A 16 -30.06 1.21 -11.58
C MET A 16 -28.89 1.01 -12.57
N ILE A 17 -27.68 1.50 -12.25
CA ILE A 17 -26.53 1.41 -13.17
C ILE A 17 -25.59 0.26 -12.85
N PRO A 18 -24.88 -0.31 -13.84
CA PRO A 18 -23.93 -1.39 -13.53
C PRO A 18 -22.74 -0.91 -12.71
N THR A 19 -22.11 -1.81 -11.93
CA THR A 19 -20.99 -1.40 -11.08
C THR A 19 -19.85 -0.80 -11.89
N GLU A 20 -19.60 -1.34 -13.09
CA GLU A 20 -18.52 -0.88 -13.96
C GLU A 20 -18.74 0.59 -14.30
N GLU A 21 -20.02 1.00 -14.58
CA GLU A 21 -20.32 2.42 -14.88
C GLU A 21 -20.19 3.27 -13.64
N ALA A 22 -20.71 2.79 -12.51
CA ALA A 22 -20.62 3.52 -11.25
C ALA A 22 -19.15 3.80 -10.90
N LEU A 23 -18.26 2.81 -11.08
CA LEU A 23 -16.82 2.99 -10.82
C LEU A 23 -16.21 4.02 -11.78
N ARG A 24 -16.61 4.02 -13.06
CA ARG A 24 -16.11 4.97 -14.06
C ARG A 24 -16.53 6.40 -13.68
N ILE A 25 -17.77 6.56 -13.24
CA ILE A 25 -18.28 7.88 -12.85
C ILE A 25 -17.43 8.39 -11.64
N VAL A 26 -17.23 7.51 -10.65
CA VAL A 26 -16.47 7.88 -9.45
C VAL A 26 -15.05 8.28 -9.83
N PHE A 27 -14.39 7.44 -10.66
CA PHE A 27 -13.03 7.70 -11.16
C PHE A 27 -12.96 9.04 -11.91
N GLY A 28 -13.96 9.32 -12.76
CA GLY A 28 -14.01 10.56 -13.54
C GLY A 28 -14.16 11.81 -12.70
N VAL A 29 -14.82 11.69 -11.55
CA VAL A 29 -15.04 12.83 -10.65
C VAL A 29 -13.89 13.02 -9.66
N SER A 30 -13.21 11.93 -9.26
CA SER A 30 -12.17 11.93 -8.25
C SER A 30 -10.89 12.52 -8.79
N LYS A 31 -10.32 13.51 -8.07
CA LYS A 31 -9.12 14.22 -8.53
C LYS A 31 -8.04 14.08 -7.48
N ARG A 32 -6.84 13.82 -7.95
CA ARG A 32 -5.66 13.73 -7.08
C ARG A 32 -5.54 15.01 -6.24
N LEU A 33 -5.17 14.88 -4.96
CA LEU A 33 -5.06 16.04 -4.07
C LEU A 33 -3.81 16.84 -4.37
N PRO A 34 -3.76 18.14 -3.98
CA PRO A 34 -2.52 18.91 -4.20
C PRO A 34 -1.37 18.31 -3.39
N PRO A 35 -0.16 18.31 -3.97
CA PRO A 35 0.97 17.72 -3.25
C PRO A 35 1.40 18.53 -2.04
N VAL A 36 2.10 17.90 -1.10
CA VAL A 36 2.57 18.58 0.12
C VAL A 36 3.99 18.12 0.39
N ILE A 37 4.68 18.77 1.34
CA ILE A 37 6.06 18.41 1.70
C ILE A 37 6.02 17.79 3.06
N VAL A 38 6.60 16.62 3.20
CA VAL A 38 6.53 15.87 4.47
C VAL A 38 7.92 15.43 4.83
N SER A 39 8.08 14.96 6.04
CA SER A 39 9.38 14.46 6.48
C SER A 39 9.58 13.03 5.99
N LEU A 40 10.80 12.55 6.11
CA LEU A 40 11.13 11.22 5.64
C LEU A 40 10.17 10.14 6.06
N TYR A 41 9.94 9.98 7.35
CA TYR A 41 9.06 8.90 7.81
C TYR A 41 7.60 9.14 7.55
N GLU A 42 7.20 10.41 7.40
CA GLU A 42 5.83 10.71 7.00
C GLU A 42 5.58 10.34 5.53
N ALA A 43 6.64 10.27 4.72
CA ALA A 43 6.55 9.92 3.29
C ALA A 43 6.20 8.43 3.10
N LEU A 44 6.49 7.59 4.09
CA LEU A 44 6.19 6.16 3.96
C LEU A 44 4.72 5.89 3.65
N GLY A 45 4.48 5.11 2.61
CA GLY A 45 3.15 4.74 2.15
C GLY A 45 2.57 5.74 1.17
N LYS A 46 3.17 6.93 1.03
CA LYS A 46 2.66 7.97 0.14
C LYS A 46 3.28 7.85 -1.24
N VAL A 47 2.61 8.46 -2.23
CA VAL A 47 3.06 8.48 -3.60
C VAL A 47 3.93 9.72 -3.83
N LEU A 48 5.12 9.52 -4.37
CA LEU A 48 6.02 10.63 -4.70
C LEU A 48 5.40 11.60 -5.70
N ALA A 49 5.56 12.93 -5.44
CA ALA A 49 5.07 13.96 -6.35
C ALA A 49 6.25 14.68 -6.98
N GLU A 50 7.47 14.13 -6.91
CA GLU A 50 8.64 14.73 -7.58
C GLU A 50 9.63 13.61 -7.87
N ASP A 51 10.53 13.79 -8.84
CA ASP A 51 11.57 12.82 -9.06
C ASP A 51 12.66 13.08 -8.02
N ILE A 52 13.43 12.04 -7.70
CA ILE A 52 14.53 12.15 -6.76
C ILE A 52 15.80 11.74 -7.50
N ARG A 53 16.79 12.63 -7.51
CA ARG A 53 18.09 12.39 -8.15
C ARG A 53 19.20 12.26 -7.11
N ALA A 54 20.14 11.35 -7.34
CA ALA A 54 21.25 11.14 -6.44
C ALA A 54 22.20 12.37 -6.50
N PRO A 55 22.45 13.09 -5.40
CA PRO A 55 23.38 14.25 -5.47
C PRO A 55 24.87 13.85 -5.53
N ASP A 56 25.18 12.59 -5.20
CA ASP A 56 26.55 12.07 -5.28
C ASP A 56 26.45 10.60 -5.68
N PRO A 57 27.55 9.98 -6.15
CA PRO A 57 27.47 8.58 -6.53
C PRO A 57 27.43 7.66 -5.33
N LEU A 58 27.00 6.42 -5.55
CA LEU A 58 27.11 5.38 -4.55
C LEU A 58 27.87 4.20 -5.20
N PRO A 59 29.01 3.77 -4.63
CA PRO A 59 29.72 4.42 -3.55
C PRO A 59 30.35 5.71 -4.10
N PRO A 60 30.59 6.73 -3.25
CA PRO A 60 31.25 7.96 -3.76
C PRO A 60 32.77 7.82 -3.89
N TYR A 61 33.32 6.71 -3.41
CA TYR A 61 34.74 6.38 -3.46
C TYR A 61 34.83 4.91 -3.90
N PRO A 62 35.92 4.47 -4.54
CA PRO A 62 36.02 3.05 -4.93
C PRO A 62 36.08 2.27 -3.63
N ALA A 63 35.16 1.30 -3.45
CA ALA A 63 34.94 0.61 -2.18
C ALA A 63 35.18 -0.86 -2.27
N SER A 64 35.78 -1.44 -1.23
CA SER A 64 36.02 -2.87 -1.22
C SER A 64 34.72 -3.62 -1.01
N VAL A 65 34.54 -4.72 -1.74
CA VAL A 65 33.39 -5.62 -1.58
C VAL A 65 33.69 -6.60 -0.43
N LYS A 66 34.98 -6.75 -0.05
CA LYS A 66 35.40 -7.75 0.93
C LYS A 66 36.31 -7.27 2.00
N ASP A 67 36.38 -8.08 3.07
CA ASP A 67 37.39 -7.88 4.10
C ASP A 67 38.59 -8.65 3.56
N GLY A 68 39.72 -7.99 3.45
CA GLY A 68 40.89 -8.64 2.89
C GLY A 68 41.96 -7.63 2.55
N TYR A 69 42.55 -7.75 1.37
CA TYR A 69 43.66 -6.90 1.00
C TYR A 69 43.51 -6.34 -0.37
N ALA A 70 43.79 -5.01 -0.50
CA ALA A 70 43.79 -4.31 -1.76
C ALA A 70 45.20 -4.53 -2.34
N VAL A 71 45.27 -5.03 -3.57
CA VAL A 71 46.51 -5.41 -4.23
C VAL A 71 46.61 -4.81 -5.62
N VAL A 72 47.79 -5.01 -6.25
CA VAL A 72 48.05 -4.70 -7.64
C VAL A 72 47.88 -6.11 -8.21
N ALA A 73 46.81 -6.34 -9.00
CA ALA A 73 46.48 -7.68 -9.53
C ALA A 73 47.62 -8.37 -10.28
N SER A 74 48.43 -7.59 -11.03
CA SER A 74 49.56 -8.12 -11.80
C SER A 74 50.69 -8.67 -10.91
N ASP A 75 50.75 -8.30 -9.61
CA ASP A 75 51.78 -8.85 -8.71
C ASP A 75 51.64 -10.37 -8.57
N GLY A 76 50.41 -10.86 -8.39
CA GLY A 76 50.11 -12.28 -8.26
C GLY A 76 50.38 -12.85 -6.89
N PRO A 77 50.29 -14.20 -6.74
CA PRO A 77 50.58 -14.81 -5.43
C PRO A 77 52.00 -14.50 -4.93
N GLY A 78 52.13 -14.34 -3.61
CA GLY A 78 53.40 -14.02 -2.99
C GLY A 78 53.23 -13.38 -1.62
N GLU A 79 54.36 -13.01 -0.99
CA GLU A 79 54.40 -12.40 0.34
C GLU A 79 54.70 -10.94 0.17
N TYR A 80 53.90 -10.07 0.82
CA TYR A 80 54.03 -8.63 0.67
C TYR A 80 53.87 -7.90 1.99
N PRO A 81 54.51 -6.70 2.12
CA PRO A 81 54.27 -5.89 3.33
C PRO A 81 52.92 -5.20 3.21
N VAL A 82 52.24 -5.02 4.33
CA VAL A 82 50.95 -4.33 4.39
C VAL A 82 51.31 -2.87 4.71
N ILE A 83 51.13 -1.95 3.77
CA ILE A 83 51.56 -0.55 3.92
C ILE A 83 50.51 0.40 4.54
N THR A 84 49.23 0.00 4.60
CA THR A 84 48.19 0.79 5.25
C THR A 84 47.00 -0.07 5.51
N GLU A 85 46.01 0.46 6.23
CA GLU A 85 44.79 -0.25 6.56
C GLU A 85 43.68 0.71 6.24
N SER A 86 42.71 0.30 5.41
CA SER A 86 41.63 1.19 5.00
C SER A 86 40.24 0.62 5.25
N ARG A 87 39.51 1.23 6.21
CA ARG A 87 38.18 0.82 6.61
C ARG A 87 37.12 1.89 6.37
N ALA A 88 37.49 3.18 6.50
CA ALA A 88 36.50 4.27 6.36
C ALA A 88 37.23 5.59 6.33
N GLY A 89 36.49 6.66 6.06
CA GLY A 89 36.98 8.04 6.09
C GLY A 89 38.30 8.27 5.40
N ASN A 90 39.24 8.92 6.11
CA ASN A 90 40.58 9.26 5.58
C ASN A 90 41.59 8.16 5.77
N ASP A 91 41.17 6.92 6.08
CA ASP A 91 42.12 5.84 6.22
C ASP A 91 42.88 5.68 4.90
N GLY A 92 44.20 5.63 4.98
CA GLY A 92 45.05 5.45 3.80
C GLY A 92 45.14 6.64 2.86
N LEU A 93 44.67 7.82 3.29
CA LEU A 93 44.74 9.02 2.45
C LEU A 93 46.22 9.36 2.25
N GLY A 94 46.60 9.56 1.00
CA GLY A 94 47.99 9.88 0.67
C GLY A 94 48.89 8.67 0.48
N VAL A 95 48.46 7.45 0.88
CA VAL A 95 49.26 6.24 0.72
C VAL A 95 48.97 5.63 -0.65
N THR A 96 50.01 5.29 -1.41
CA THR A 96 49.82 4.66 -2.71
C THR A 96 50.27 3.24 -2.61
N VAL A 97 49.38 2.29 -3.00
CA VAL A 97 49.77 0.89 -3.07
C VAL A 97 50.53 0.74 -4.39
N THR A 98 51.82 0.51 -4.32
CA THR A 98 52.67 0.32 -5.50
C THR A 98 52.88 -1.16 -5.72
N PRO A 99 53.34 -1.59 -6.91
CA PRO A 99 53.65 -3.03 -7.09
C PRO A 99 54.62 -3.53 -6.02
N GLY A 100 54.27 -4.66 -5.40
CA GLY A 100 55.05 -5.28 -4.34
C GLY A 100 54.54 -4.94 -2.95
N THR A 101 53.39 -4.25 -2.85
CA THR A 101 52.77 -3.90 -1.58
C THR A 101 51.28 -4.21 -1.60
N VAL A 102 50.67 -4.25 -0.43
CA VAL A 102 49.23 -4.45 -0.28
C VAL A 102 48.71 -3.57 0.84
N ALA A 103 47.40 -3.43 0.91
CA ALA A 103 46.76 -2.66 1.97
C ALA A 103 45.67 -3.50 2.57
N TYR A 104 45.48 -3.46 3.89
CA TYR A 104 44.34 -4.17 4.50
C TYR A 104 43.08 -3.35 4.21
N VAL A 105 41.97 -4.01 3.88
CA VAL A 105 40.71 -3.32 3.67
C VAL A 105 39.58 -4.09 4.34
N THR A 106 38.54 -3.39 4.78
CA THR A 106 37.33 -4.05 5.27
C THR A 106 36.25 -3.75 4.22
N THR A 107 35.16 -4.50 4.24
CA THR A 107 34.08 -4.28 3.27
C THR A 107 33.58 -2.85 3.46
N GLY A 108 33.49 -2.11 2.37
CA GLY A 108 33.10 -0.70 2.39
C GLY A 108 34.27 0.24 2.61
N GLY A 109 35.45 -0.28 2.85
CA GLY A 109 36.62 0.57 3.03
C GLY A 109 37.09 1.18 1.72
N PRO A 110 37.60 2.42 1.72
CA PRO A 110 38.06 3.01 0.45
C PRO A 110 39.30 2.29 -0.11
N ILE A 111 39.34 2.06 -1.42
CA ILE A 111 40.50 1.38 -2.02
C ILE A 111 41.63 2.42 -2.10
N PRO A 112 42.82 2.15 -1.53
CA PRO A 112 43.90 3.15 -1.64
C PRO A 112 44.32 3.35 -3.09
N ASP A 113 44.83 4.53 -3.42
CA ASP A 113 45.31 4.77 -4.79
C ASP A 113 46.39 3.73 -5.15
N GLY A 114 46.39 3.29 -6.40
CA GLY A 114 47.36 2.31 -6.88
C GLY A 114 46.90 0.88 -6.79
N ALA A 115 46.01 0.52 -5.82
CA ALA A 115 45.49 -0.84 -5.76
C ALA A 115 44.39 -0.95 -6.82
N ASP A 116 44.29 -2.08 -7.51
CA ASP A 116 43.28 -2.25 -8.54
C ASP A 116 42.46 -3.54 -8.38
N ALA A 117 42.63 -4.26 -7.28
CA ALA A 117 41.81 -5.45 -7.01
C ALA A 117 41.84 -5.72 -5.52
N VAL A 118 40.91 -6.53 -5.03
CA VAL A 118 40.86 -6.93 -3.64
C VAL A 118 40.88 -8.44 -3.59
N VAL A 119 41.70 -8.99 -2.70
CA VAL A 119 41.75 -10.42 -2.47
C VAL A 119 41.09 -10.62 -1.11
N GLN A 120 39.98 -11.35 -1.06
CA GLN A 120 39.29 -11.61 0.21
C GLN A 120 40.24 -12.29 1.21
N VAL A 121 40.06 -12.00 2.51
CA VAL A 121 40.93 -12.49 3.59
C VAL A 121 41.06 -14.02 3.61
N GLU A 122 40.03 -14.74 3.14
CA GLU A 122 40.07 -16.22 3.08
C GLU A 122 41.15 -16.71 2.13
N ASP A 123 41.55 -15.90 1.12
CA ASP A 123 42.61 -16.27 0.18
C ASP A 123 43.95 -15.64 0.56
N THR A 124 44.17 -15.39 1.86
CA THR A 124 45.41 -14.79 2.36
C THR A 124 45.81 -15.44 3.65
N LYS A 125 47.06 -15.20 4.06
CA LYS A 125 47.60 -15.73 5.31
C LYS A 125 48.53 -14.70 5.89
N VAL A 126 48.39 -14.37 7.18
CA VAL A 126 49.30 -13.40 7.82
C VAL A 126 50.59 -14.14 8.11
N ILE A 127 51.75 -13.52 7.79
CA ILE A 127 53.09 -14.08 7.97
C ILE A 127 53.86 -13.28 9.01
N GLY A 128 54.52 -13.97 9.93
CA GLY A 128 55.34 -13.35 10.98
C GLY A 128 54.62 -13.09 12.28
N ASP A 129 55.42 -12.68 13.29
CA ASP A 129 54.97 -12.41 14.67
C ASP A 129 53.92 -11.27 14.69
N VAL A 130 52.62 -11.64 14.88
CA VAL A 130 51.40 -10.80 14.84
C VAL A 130 51.65 -9.27 14.93
N SER A 131 52.16 -8.74 16.07
CA SER A 131 52.43 -7.30 16.23
C SER A 131 53.77 -7.09 16.92
N THR A 132 54.74 -7.98 16.64
CA THR A 132 56.10 -7.95 17.16
C THR A 132 57.08 -7.96 15.95
N GLU A 133 56.57 -7.50 14.77
CA GLU A 133 57.28 -7.40 13.49
C GLU A 133 56.38 -6.61 12.52
N SER A 134 56.95 -5.91 11.51
CA SER A 134 56.13 -5.13 10.57
C SER A 134 55.20 -6.08 9.80
N LYS A 135 53.92 -5.68 9.61
CA LYS A 135 52.88 -6.53 9.01
C LYS A 135 53.18 -7.03 7.59
N ARG A 136 53.08 -8.36 7.40
CA ARG A 136 53.29 -9.04 6.10
C ARG A 136 52.19 -10.06 5.87
N VAL A 137 51.78 -10.22 4.61
CA VAL A 137 50.72 -11.15 4.27
C VAL A 137 51.04 -11.91 3.01
N LYS A 138 50.64 -13.16 2.97
CA LYS A 138 50.80 -13.99 1.79
C LYS A 138 49.46 -13.99 1.03
N ILE A 139 49.48 -13.54 -0.23
CA ILE A 139 48.33 -13.56 -1.12
C ILE A 139 48.40 -14.96 -1.77
N LEU A 140 47.37 -15.78 -1.56
CA LEU A 140 47.36 -17.17 -2.03
C LEU A 140 46.81 -17.39 -3.44
N ILE A 141 46.26 -16.36 -4.13
CA ILE A 141 45.69 -16.53 -5.48
C ILE A 141 46.17 -15.48 -6.46
N GLN A 142 45.89 -15.72 -7.75
CA GLN A 142 46.15 -14.78 -8.81
C GLN A 142 44.80 -14.12 -9.05
N THR A 143 44.64 -12.84 -8.65
CA THR A 143 43.38 -12.15 -8.86
C THR A 143 43.40 -11.45 -10.22
N LYS A 144 42.31 -10.73 -10.53
CA LYS A 144 42.15 -10.01 -11.80
C LYS A 144 41.82 -8.56 -11.47
N LYS A 145 42.30 -7.60 -12.29
CA LYS A 145 42.01 -6.18 -12.09
C LYS A 145 40.48 -5.97 -11.96
N GLY A 146 40.06 -5.16 -10.98
CA GLY A 146 38.66 -4.84 -10.70
C GLY A 146 37.92 -5.79 -9.77
N THR A 147 38.52 -6.94 -9.42
CA THR A 147 37.86 -7.94 -8.58
C THR A 147 37.54 -7.39 -7.20
N ASP A 148 36.30 -7.60 -6.75
CA ASP A 148 35.83 -7.22 -5.43
C ASP A 148 36.05 -5.75 -5.08
N ILE A 149 35.95 -4.88 -6.08
CA ILE A 149 35.93 -3.45 -5.88
C ILE A 149 34.65 -2.93 -6.51
N ARG A 150 33.97 -2.04 -5.80
CA ARG A 150 32.81 -1.32 -6.30
C ARG A 150 33.36 0.01 -6.80
N ARG A 151 33.43 0.24 -8.12
CA ARG A 151 33.92 1.53 -8.61
C ARG A 151 32.95 2.64 -8.25
N VAL A 152 33.41 3.89 -8.29
CA VAL A 152 32.60 5.04 -7.96
C VAL A 152 31.32 5.00 -8.82
N GLY A 153 30.17 5.11 -8.18
CA GLY A 153 28.88 5.18 -8.84
C GLY A 153 28.34 3.89 -9.43
N ASP A 155 26.73 1.53 -7.97
CA ASP A 155 25.39 1.19 -7.46
C ASP A 155 24.40 2.25 -7.86
N ILE A 156 24.82 3.52 -7.79
CA ILE A 156 23.99 4.68 -8.16
C ILE A 156 24.93 5.71 -8.74
N GLU A 157 24.64 6.20 -9.92
CA GLU A 157 25.48 7.24 -10.53
C GLU A 157 25.04 8.58 -10.02
N LYS A 158 25.99 9.52 -9.89
CA LYS A 158 25.67 10.89 -9.50
C LYS A 158 24.63 11.43 -10.52
N ASP A 159 23.58 12.09 -10.03
CA ASP A 159 22.49 12.67 -10.84
C ASP A 159 21.53 11.65 -11.43
N ALA A 160 21.70 10.34 -11.18
CA ALA A 160 20.71 9.37 -11.68
C ALA A 160 19.39 9.61 -10.97
N THR A 161 18.25 9.35 -11.65
CA THR A 161 16.96 9.44 -11.01
C THR A 161 16.80 8.12 -10.26
N VAL A 162 16.71 8.17 -8.92
CA VAL A 162 16.56 6.94 -8.13
C VAL A 162 15.09 6.66 -7.81
N LEU A 163 14.21 7.71 -7.86
CA LEU A 163 12.78 7.51 -7.62
C LEU A 163 12.06 8.48 -8.50
N THR A 164 10.88 8.11 -8.99
CA THR A 164 10.16 8.98 -9.90
C THR A 164 8.81 9.39 -9.38
N THR A 165 8.29 10.49 -9.90
N THR A 165 8.29 10.51 -9.88
CA THR A 165 6.94 10.96 -9.57
CA THR A 165 6.95 10.98 -9.51
C THR A 165 5.96 9.82 -9.86
C THR A 165 5.93 9.86 -9.86
N GLY A 166 5.01 9.59 -8.95
CA GLY A 166 4.01 8.54 -9.13
C GLY A 166 4.42 7.21 -8.52
N GLU A 167 5.61 7.14 -7.92
CA GLU A 167 6.07 5.90 -7.28
C GLU A 167 5.64 5.87 -5.82
N ARG A 168 5.03 4.75 -5.35
CA ARG A 168 4.66 4.67 -3.94
C ARG A 168 5.89 4.35 -3.10
N ILE A 169 5.99 5.00 -1.96
CA ILE A 169 7.16 4.87 -1.07
C ILE A 169 6.96 3.73 -0.09
N GLY A 170 7.80 2.71 -0.24
CA GLY A 170 7.92 1.59 0.68
C GLY A 170 9.26 1.67 1.37
N ALA A 171 9.62 0.60 2.09
CA ALA A 171 10.88 0.59 2.85
C ALA A 171 12.12 0.83 1.96
N SER A 172 12.25 0.15 0.83
CA SER A 172 13.42 0.36 -0.02
C SER A 172 13.46 1.76 -0.56
N GLU A 173 12.27 2.38 -0.83
CA GLU A 173 12.25 3.76 -1.34
C GLU A 173 12.67 4.71 -0.24
N ILE A 174 12.31 4.44 1.02
CA ILE A 174 12.82 5.25 2.16
C ILE A 174 14.35 5.09 2.20
N GLY A 175 14.83 3.87 2.03
CA GLY A 175 16.28 3.66 1.96
C GLY A 175 16.97 4.43 0.85
N LEU A 176 16.34 4.54 -0.34
CA LEU A 176 16.91 5.33 -1.45
C LEU A 176 16.85 6.83 -1.17
N LEU A 177 15.77 7.32 -0.52
CA LEU A 177 15.71 8.72 -0.13
C LEU A 177 16.85 9.00 0.86
N ALA A 178 17.07 8.09 1.83
CA ALA A 178 18.15 8.29 2.82
C ALA A 178 19.52 8.26 2.15
N THR A 179 19.73 7.32 1.21
CA THR A 179 20.97 7.23 0.43
C THR A 179 21.27 8.57 -0.22
N ALA A 180 20.23 9.17 -0.82
CA ALA A 180 20.35 10.45 -1.54
C ALA A 180 20.31 11.70 -0.66
N GLY A 181 20.23 11.52 0.66
CA GLY A 181 20.23 12.62 1.61
C GLY A 181 18.96 13.45 1.60
N VAL A 182 17.80 12.85 1.26
CA VAL A 182 16.54 13.59 1.18
C VAL A 182 15.80 13.35 2.47
N THR A 183 15.56 14.38 3.26
CA THR A 183 14.78 14.14 4.49
C THR A 183 13.44 14.88 4.46
N MET A 184 13.20 15.75 3.45
CA MET A 184 11.89 16.40 3.22
C MET A 184 11.48 16.02 1.79
N VAL A 185 10.29 15.45 1.65
CA VAL A 185 9.83 14.81 0.42
C VAL A 185 8.52 15.41 -0.06
N LYS A 186 8.41 15.71 -1.36
CA LYS A 186 7.14 16.20 -1.94
C LYS A 186 6.32 14.96 -2.32
N VAL A 187 5.11 14.83 -1.75
CA VAL A 187 4.25 13.66 -1.94
C VAL A 187 2.83 14.08 -2.16
N TYR A 188 1.99 13.12 -2.56
CA TYR A 188 0.54 13.37 -2.58
C TYR A 188 0.05 12.94 -1.20
N PRO A 189 -0.73 13.80 -0.54
CA PRO A 189 -1.22 13.45 0.80
C PRO A 189 -2.34 12.40 0.73
N MET A 190 -2.75 11.87 1.88
CA MET A 190 -3.92 11.00 1.91
C MET A 190 -5.16 11.90 2.10
N PRO A 191 -6.33 11.52 1.59
CA PRO A 191 -7.52 12.33 1.87
C PRO A 191 -7.92 12.26 3.34
N ILE A 192 -8.60 13.26 3.83
CA ILE A 192 -9.14 13.23 5.19
C ILE A 192 -10.59 12.80 4.98
N VAL A 193 -11.08 11.87 5.82
CA VAL A 193 -12.39 11.28 5.62
C VAL A 193 -13.28 11.51 6.83
N ALA A 194 -14.45 12.08 6.64
CA ALA A 194 -15.46 12.22 7.72
C ALA A 194 -16.37 11.01 7.65
N ILE A 195 -16.80 10.49 8.79
CA ILE A 195 -17.65 9.29 8.85
C ILE A 195 -18.79 9.56 9.84
N LEU A 196 -20.00 9.24 9.44
CA LEU A 196 -21.14 9.31 10.37
C LEU A 196 -22.04 8.12 10.14
N SER A 197 -22.83 7.79 11.16
CA SER A 197 -23.88 6.75 11.04
C SER A 197 -25.20 7.43 11.14
N THR A 198 -26.26 6.80 10.58
CA THR A 198 -27.59 7.39 10.69
C THR A 198 -28.56 6.38 11.26
N GLY A 199 -29.49 6.84 12.07
CA GLY A 199 -30.55 5.96 12.52
C GLY A 199 -31.07 6.22 13.91
N ASP A 200 -32.39 6.25 14.04
CA ASP A 200 -33.02 6.39 15.35
C ASP A 200 -32.87 5.11 16.16
N GLU A 201 -32.63 3.97 15.49
CA GLU A 201 -32.48 2.68 16.17
C GLU A 201 -31.08 2.49 16.75
N LEU A 202 -30.10 3.34 16.37
CA LEU A 202 -28.73 3.11 16.81
C LEU A 202 -28.46 3.58 18.20
N VAL A 203 -27.53 2.87 18.85
CA VAL A 203 -26.99 3.32 20.15
C VAL A 203 -25.50 3.17 20.01
N GLU A 204 -24.74 3.81 20.89
CA GLU A 204 -23.29 3.68 20.80
C GLU A 204 -22.88 2.22 21.05
N PRO A 205 -21.72 1.79 20.50
CA PRO A 205 -21.21 0.45 20.85
C PRO A 205 -20.85 0.26 22.31
N THR A 206 -20.79 1.32 23.13
CA THR A 206 -20.58 1.13 24.58
C THR A 206 -21.90 0.69 25.27
N ALA A 207 -23.07 0.80 24.62
CA ALA A 207 -24.33 0.40 25.29
C ALA A 207 -24.28 -1.05 25.80
N GLY A 208 -24.82 -1.27 27.00
CA GLY A 208 -24.98 -2.58 27.59
C GLY A 208 -26.32 -3.14 27.15
N THR A 209 -27.27 -3.41 28.07
CA THR A 209 -28.58 -3.93 27.70
C THR A 209 -29.24 -3.01 26.70
N LEU A 210 -29.71 -3.56 25.59
CA LEU A 210 -30.35 -2.75 24.56
C LEU A 210 -31.83 -2.59 24.88
N GLY A 211 -32.35 -1.40 24.64
CA GLY A 211 -33.77 -1.12 24.77
C GLY A 211 -34.50 -1.72 23.59
N ARG A 212 -35.84 -1.78 23.63
CA ARG A 212 -36.59 -2.34 22.49
C ARG A 212 -36.24 -1.54 21.23
N GLY A 213 -36.07 -2.23 20.12
CA GLY A 213 -35.86 -1.58 18.84
C GLY A 213 -34.54 -0.85 18.70
N GLN A 214 -33.51 -1.25 19.47
CA GLN A 214 -32.18 -0.63 19.40
C GLN A 214 -31.14 -1.67 19.00
N ILE A 215 -30.15 -1.23 18.28
CA ILE A 215 -28.97 -2.04 17.93
C ILE A 215 -27.75 -1.16 18.15
N ARG A 216 -26.59 -1.77 18.36
CA ARG A 216 -25.37 -0.96 18.47
C ARG A 216 -24.93 -0.48 17.09
N ASP A 217 -24.45 0.76 17.01
CA ASP A 217 -23.88 1.28 15.78
C ASP A 217 -22.56 0.49 15.52
N SER A 218 -22.56 -0.39 14.51
CA SER A 218 -21.35 -1.16 14.17
C SER A 218 -20.69 -0.57 12.89
N ASN A 219 -21.46 0.04 11.99
CA ASN A 219 -20.86 0.54 10.73
C ASN A 219 -19.82 1.61 10.96
N ARG A 220 -20.07 2.49 11.92
CA ARG A 220 -19.15 3.60 12.12
C ARG A 220 -17.79 3.10 12.53
N ALA A 221 -17.72 2.27 13.56
CA ALA A 221 -16.41 1.74 13.98
C ALA A 221 -15.77 0.88 12.87
N MET A 222 -16.59 0.11 12.16
CA MET A 222 -16.10 -0.68 11.05
C MET A 222 -15.46 0.22 9.99
N LEU A 223 -16.11 1.33 9.65
CA LEU A 223 -15.61 2.24 8.62
C LEU A 223 -14.40 3.02 9.13
N VAL A 224 -14.41 3.44 10.39
CA VAL A 224 -13.25 4.13 10.98
C VAL A 224 -12.04 3.18 10.79
N ALA A 225 -12.22 1.90 11.15
CA ALA A 225 -11.14 0.90 11.00
C ALA A 225 -10.73 0.74 9.55
N ALA A 226 -11.71 0.67 8.64
CA ALA A 226 -11.41 0.49 7.24
C ALA A 226 -10.61 1.66 6.70
N VAL A 227 -10.98 2.86 7.10
CA VAL A 227 -10.28 4.06 6.66
C VAL A 227 -8.87 4.12 7.30
N MET A 228 -8.76 3.70 8.56
CA MET A 228 -7.44 3.63 9.25
C MET A 228 -6.51 2.63 8.49
N GLN A 229 -7.08 1.51 7.97
CA GLN A 229 -6.28 0.53 7.18
C GLN A 229 -5.78 1.16 5.86
N GLN A 230 -6.53 2.13 5.33
CA GLN A 230 -6.12 2.90 4.16
C GLN A 230 -5.22 4.08 4.52
N GLN A 231 -4.80 4.21 5.79
CA GLN A 231 -3.85 5.22 6.24
C GLN A 231 -4.35 6.66 6.08
N CYS A 232 -5.67 6.87 6.22
CA CYS A 232 -6.24 8.21 6.15
C CYS A 232 -6.60 8.69 7.50
N LYS A 233 -6.56 10.00 7.69
CA LYS A 233 -7.06 10.62 8.92
C LYS A 233 -8.60 10.52 8.93
N VAL A 234 -9.16 10.19 10.08
CA VAL A 234 -10.62 10.05 10.22
C VAL A 234 -11.20 11.20 11.03
N VAL A 235 -12.34 11.72 10.62
CA VAL A 235 -13.10 12.72 11.38
C VAL A 235 -14.39 11.94 11.75
N ASP A 236 -14.53 11.56 13.02
CA ASP A 236 -15.65 10.74 13.49
C ASP A 236 -16.80 11.68 13.87
N LEU A 237 -17.86 11.74 13.07
CA LEU A 237 -18.97 12.65 13.34
C LEU A 237 -20.14 11.98 14.08
N GLY A 238 -19.95 10.75 14.52
CA GLY A 238 -20.94 10.12 15.41
C GLY A 238 -22.23 9.68 14.77
N ILE A 239 -23.24 9.46 15.63
CA ILE A 239 -24.57 9.02 15.20
C ILE A 239 -25.41 10.22 14.93
N VAL A 240 -26.12 10.20 13.79
CA VAL A 240 -27.05 11.25 13.41
C VAL A 240 -28.44 10.63 13.36
N ARG A 241 -29.46 11.30 13.89
CA ARG A 241 -30.82 10.73 13.91
C ARG A 241 -31.51 10.96 12.58
N ASP A 242 -32.66 10.29 12.37
CA ASP A 242 -33.43 10.36 11.10
C ASP A 242 -34.27 11.62 11.12
N ASP A 243 -33.58 12.76 11.05
CA ASP A 243 -34.17 14.10 11.10
C ASP A 243 -33.45 14.91 10.01
N ARG A 244 -34.22 15.43 9.03
CA ARG A 244 -33.62 16.12 7.88
C ARG A 244 -32.77 17.32 8.29
N LYS A 245 -33.30 18.19 9.19
CA LYS A 245 -32.54 19.37 9.63
C LYS A 245 -31.26 18.98 10.35
N GLU A 246 -31.30 17.93 11.14
CA GLU A 246 -30.11 17.49 11.88
C GLU A 246 -29.03 16.93 10.95
N LEU A 247 -29.41 16.06 10.03
CA LEU A 247 -28.47 15.50 9.06
C LEU A 247 -27.94 16.62 8.15
N GLU A 248 -28.78 17.59 7.77
CA GLU A 248 -28.30 18.72 6.96
C GLU A 248 -27.20 19.48 7.71
N LYS A 249 -27.39 19.73 9.02
CA LYS A 249 -26.42 20.47 9.83
C LYS A 249 -25.11 19.72 9.91
N VAL A 250 -25.16 18.41 10.15
CA VAL A 250 -23.93 17.62 10.26
C VAL A 250 -23.22 17.56 8.88
N LEU A 251 -23.99 17.37 7.78
CA LEU A 251 -23.36 17.34 6.47
C LEU A 251 -22.74 18.68 6.12
N ASP A 252 -23.46 19.79 6.42
CA ASP A 252 -22.92 21.14 6.17
C ASP A 252 -21.64 21.36 6.98
N GLU A 253 -21.61 20.90 8.26
CA GLU A 253 -20.42 21.00 9.13
C GLU A 253 -19.27 20.14 8.58
N ALA A 254 -19.59 18.93 8.10
CA ALA A 254 -18.60 18.05 7.49
C ALA A 254 -17.99 18.71 6.21
N VAL A 255 -18.83 19.22 5.31
CA VAL A 255 -18.38 19.84 4.06
C VAL A 255 -17.47 21.05 4.32
N SER A 256 -17.79 21.88 5.33
CA SER A 256 -16.97 23.08 5.58
C SER A 256 -15.75 22.81 6.47
N SER A 257 -15.61 21.59 7.03
CA SER A 257 -14.49 21.25 7.91
C SER A 257 -13.12 21.06 7.25
N GLY A 258 -13.06 20.88 5.93
CA GLY A 258 -11.80 20.63 5.23
C GLY A 258 -11.58 19.18 4.85
N VAL A 259 -12.51 18.27 5.19
CA VAL A 259 -12.36 16.88 4.75
C VAL A 259 -12.48 16.78 3.22
N ASP A 260 -11.98 15.69 2.66
CA ASP A 260 -12.05 15.44 1.20
C ASP A 260 -13.14 14.46 0.86
N ILE A 261 -13.48 13.56 1.79
CA ILE A 261 -14.50 12.54 1.52
C ILE A 261 -15.41 12.47 2.73
N ILE A 262 -16.71 12.31 2.49
CA ILE A 262 -17.65 12.08 3.58
C ILE A 262 -18.24 10.70 3.34
N LEU A 263 -18.27 9.86 4.38
CA LEU A 263 -18.95 8.57 4.30
C LEU A 263 -20.08 8.59 5.27
N THR A 264 -21.31 8.36 4.76
CA THR A 264 -22.43 8.17 5.67
C THR A 264 -22.84 6.72 5.48
N SER A 265 -23.57 6.14 6.42
CA SER A 265 -24.20 4.84 6.16
C SER A 265 -25.66 4.91 6.61
N GLY A 266 -26.54 4.16 5.94
CA GLY A 266 -27.97 4.16 6.23
C GLY A 266 -28.66 5.41 5.72
N GLY A 267 -29.97 5.53 5.93
CA GLY A 267 -30.70 6.70 5.48
C GLY A 267 -30.76 6.88 3.99
N VAL A 268 -30.49 5.80 3.22
CA VAL A 268 -30.42 5.83 1.75
C VAL A 268 -31.34 4.81 1.10
N SER A 269 -32.25 4.16 1.83
CA SER A 269 -33.11 3.16 1.18
C SER A 269 -34.43 3.87 0.79
N MET A 270 -35.58 3.22 0.97
CA MET A 270 -36.86 3.75 0.52
C MET A 270 -37.76 4.21 1.68
N GLY A 271 -37.17 4.38 2.87
CA GLY A 271 -37.94 4.79 4.04
C GLY A 271 -38.37 6.24 3.96
N ASP A 272 -39.40 6.60 4.70
CA ASP A 272 -39.90 7.99 4.67
C ASP A 272 -39.02 8.94 5.50
N ARG A 273 -38.03 8.41 6.25
CA ARG A 273 -37.11 9.24 7.00
C ARG A 273 -35.64 8.99 6.55
N ASP A 274 -35.46 8.62 5.27
CA ASP A 274 -34.13 8.42 4.68
C ASP A 274 -33.79 9.72 3.96
N PHE A 275 -33.02 10.60 4.61
CA PHE A 275 -32.75 11.94 4.08
C PHE A 275 -31.39 12.12 3.40
N VAL A 276 -30.55 11.10 3.34
CA VAL A 276 -29.23 11.24 2.74
C VAL A 276 -29.32 11.67 1.28
N LYS A 277 -30.10 10.94 0.47
CA LYS A 277 -30.23 11.25 -0.97
C LYS A 277 -30.77 12.65 -1.22
N PRO A 278 -31.95 13.05 -0.69
CA PRO A 278 -32.42 14.43 -0.98
C PRO A 278 -31.47 15.51 -0.47
N LEU A 279 -30.77 15.27 0.65
CA LEU A 279 -29.79 16.25 1.13
C LEU A 279 -28.58 16.36 0.22
N LEU A 280 -28.06 15.23 -0.28
CA LEU A 280 -26.95 15.29 -1.23
C LEU A 280 -27.39 15.93 -2.56
N GLU A 281 -28.64 15.68 -3.02
CA GLU A 281 -29.17 16.34 -4.24
C GLU A 281 -29.26 17.86 -4.04
N GLU A 282 -29.62 18.30 -2.84
CA GLU A 282 -29.72 19.72 -2.51
C GLU A 282 -28.34 20.40 -2.35
N LYS A 283 -27.40 19.74 -1.67
CA LYS A 283 -26.08 20.33 -1.40
C LYS A 283 -25.12 20.28 -2.59
N GLY A 284 -25.24 19.26 -3.42
CA GLY A 284 -24.33 19.10 -4.55
C GLY A 284 -24.97 18.39 -5.71
N LYS A 285 -24.20 17.51 -6.37
CA LYS A 285 -24.63 16.78 -7.54
C LYS A 285 -24.55 15.29 -7.27
N VAL A 286 -25.69 14.60 -7.28
CA VAL A 286 -25.75 13.15 -7.11
C VAL A 286 -25.56 12.55 -8.52
N TYR A 287 -24.55 11.68 -8.68
CA TYR A 287 -24.31 11.04 -9.98
C TYR A 287 -25.10 9.75 -10.09
N PHE A 288 -25.36 9.07 -8.97
CA PHE A 288 -26.18 7.86 -8.98
C PHE A 288 -26.64 7.54 -7.60
N SER A 289 -27.71 6.75 -7.48
CA SER A 289 -28.23 6.37 -6.16
C SER A 289 -28.71 4.93 -6.14
N LYS A 290 -28.45 4.16 -7.19
CA LYS A 290 -28.93 2.80 -7.35
C LYS A 290 -27.88 2.08 -8.17
N VAL A 291 -27.37 0.94 -7.67
CA VAL A 291 -26.35 0.19 -8.41
C VAL A 291 -26.80 -1.24 -8.55
N LEU A 292 -26.61 -1.82 -9.74
CA LEU A 292 -27.00 -3.21 -10.00
C LEU A 292 -25.92 -4.12 -9.42
N MET A 293 -26.05 -4.41 -8.14
CA MET A 293 -25.09 -5.26 -7.44
C MET A 293 -25.74 -5.87 -6.23
N LYS A 294 -25.20 -7.00 -5.81
CA LYS A 294 -25.63 -7.67 -4.58
C LYS A 294 -24.36 -7.95 -3.78
N PRO A 295 -24.19 -7.45 -2.56
CA PRO A 295 -25.02 -6.50 -1.81
C PRO A 295 -24.57 -5.08 -2.19
N GLY A 296 -25.38 -4.06 -1.90
CA GLY A 296 -24.99 -2.67 -2.17
C GLY A 296 -25.89 -1.87 -3.06
N LYS A 297 -27.12 -2.35 -3.38
CA LYS A 297 -28.02 -1.62 -4.27
C LYS A 297 -28.25 -0.12 -3.92
N PRO A 298 -28.47 0.28 -2.67
CA PRO A 298 -28.75 1.71 -2.41
C PRO A 298 -27.58 2.68 -2.44
N LEU A 299 -26.35 2.26 -2.83
CA LEU A 299 -25.18 3.15 -2.86
C LEU A 299 -25.43 4.45 -3.61
N THR A 300 -25.13 5.59 -2.97
CA THR A 300 -25.32 6.92 -3.53
C THR A 300 -23.99 7.62 -3.57
N PHE A 301 -23.71 8.32 -4.66
CA PHE A 301 -22.44 9.04 -4.78
C PHE A 301 -22.71 10.46 -5.18
N ALA A 302 -22.07 11.43 -4.53
CA ALA A 302 -22.27 12.83 -4.86
C ALA A 302 -20.99 13.62 -4.71
N GLU A 303 -20.95 14.76 -5.36
CA GLU A 303 -19.84 15.69 -5.28
C GLU A 303 -20.41 16.99 -4.73
N ILE A 304 -19.82 17.53 -3.65
CA ILE A 304 -20.27 18.80 -3.05
C ILE A 304 -19.11 19.80 -3.10
N ARG A 305 -19.39 21.06 -3.49
CA ARG A 305 -18.38 22.12 -3.50
C ARG A 305 -18.49 22.84 -2.16
N ALA A 306 -17.41 22.85 -1.35
CA ALA A 306 -17.40 23.60 -0.09
C ALA A 306 -17.25 25.10 -0.44
N LYS A 307 -18.04 25.98 0.20
CA LYS A 307 -18.02 27.43 -0.09
C LYS A 307 -16.65 28.06 0.23
N PRO A 308 -16.06 28.94 -0.63
CA PRO A 308 -14.73 29.52 -0.29
C PRO A 308 -14.77 30.48 0.90
N GLY A 314 -12.02 27.06 -1.07
CA GLY A 314 -12.99 26.46 -1.99
C GLY A 314 -12.47 25.13 -2.55
N LYS A 315 -13.12 24.02 -2.18
CA LYS A 315 -12.70 22.72 -2.68
C LYS A 315 -13.85 21.71 -2.80
N THR A 316 -13.58 20.64 -3.53
CA THR A 316 -14.54 19.58 -3.78
C THR A 316 -14.51 18.61 -2.61
N VAL A 317 -15.70 18.08 -2.26
CA VAL A 317 -15.85 17.06 -1.23
C VAL A 317 -16.66 15.96 -1.90
N LEU A 318 -16.15 14.73 -1.84
CA LEU A 318 -16.83 13.56 -2.40
C LEU A 318 -17.68 12.95 -1.31
N ALA A 319 -18.92 12.62 -1.60
CA ALA A 319 -19.80 11.99 -0.58
C ALA A 319 -20.26 10.64 -1.07
N PHE A 320 -20.12 9.61 -0.22
CA PHE A 320 -20.64 8.27 -0.48
C PHE A 320 -21.73 8.02 0.57
N GLY A 321 -22.97 7.88 0.11
CA GLY A 321 -24.07 7.50 0.98
C GLY A 321 -24.08 5.99 0.95
N LEU A 322 -23.31 5.38 1.82
CA LEU A 322 -23.17 3.93 1.83
C LEU A 322 -24.45 3.28 2.34
N PRO A 323 -24.76 2.07 1.86
CA PRO A 323 -25.95 1.38 2.41
C PRO A 323 -25.81 1.10 3.91
N GLY A 324 -26.94 1.04 4.60
CA GLY A 324 -26.94 0.80 6.06
C GLY A 324 -26.63 -0.64 6.43
N ASN A 325 -27.07 -1.60 5.61
CA ASN A 325 -26.78 -3.02 5.92
C ASN A 325 -25.26 -3.24 6.11
N PRO A 326 -24.80 -3.74 7.28
CA PRO A 326 -23.34 -3.86 7.52
C PRO A 326 -22.49 -4.46 6.38
N VAL A 327 -22.95 -5.55 5.75
CA VAL A 327 -22.17 -6.17 4.65
C VAL A 327 -22.10 -5.22 3.47
N SER A 328 -23.28 -4.73 3.04
CA SER A 328 -23.35 -3.79 1.92
C SER A 328 -22.48 -2.59 2.17
N CYS A 329 -22.49 -2.09 3.41
CA CYS A 329 -21.66 -0.94 3.76
C CYS A 329 -20.16 -1.23 3.48
N LEU A 330 -19.65 -2.35 4.02
CA LEU A 330 -18.23 -2.70 3.85
C LEU A 330 -17.86 -3.09 2.43
N VAL A 331 -18.72 -3.83 1.75
CA VAL A 331 -18.50 -4.18 0.34
C VAL A 331 -18.41 -2.91 -0.50
N CYS A 332 -19.33 -1.97 -0.30
CA CYS A 332 -19.27 -0.72 -1.08
C CYS A 332 -18.03 0.08 -0.73
N PHE A 333 -17.61 0.05 0.53
CA PHE A 333 -16.35 0.69 0.92
C PHE A 333 -15.18 0.07 0.11
N ASN A 334 -15.08 -1.26 0.13
CA ASN A 334 -14.00 -1.99 -0.55
C ASN A 334 -13.96 -1.78 -2.04
N ILE A 335 -15.12 -1.77 -2.69
CA ILE A 335 -15.18 -1.63 -4.15
C ILE A 335 -15.08 -0.19 -4.62
N PHE A 336 -15.76 0.75 -4.00
CA PHE A 336 -15.81 2.13 -4.49
C PHE A 336 -14.96 3.12 -3.73
N VAL A 337 -14.92 3.04 -2.39
CA VAL A 337 -14.19 4.04 -1.62
C VAL A 337 -12.68 3.80 -1.64
N VAL A 338 -12.23 2.55 -1.49
CA VAL A 338 -10.77 2.28 -1.52
C VAL A 338 -10.10 2.85 -2.84
N PRO A 339 -10.62 2.58 -4.05
CA PRO A 339 -9.98 3.16 -5.25
C PRO A 339 -10.07 4.68 -5.26
N THR A 340 -11.12 5.27 -4.65
CA THR A 340 -11.24 6.72 -4.58
C THR A 340 -10.17 7.30 -3.66
N ILE A 341 -9.98 6.70 -2.49
CA ILE A 341 -8.92 7.14 -1.58
C ILE A 341 -7.57 7.09 -2.32
N ARG A 342 -7.31 5.99 -3.02
CA ARG A 342 -6.04 5.80 -3.74
C ARG A 342 -5.88 6.83 -4.86
N GLN A 343 -6.95 7.08 -5.63
CA GLN A 343 -6.87 8.09 -6.68
C GLN A 343 -6.54 9.46 -6.08
N LEU A 344 -7.24 9.84 -5.00
CA LEU A 344 -6.96 11.14 -4.36
C LEU A 344 -5.53 11.21 -3.84
N ALA A 345 -5.01 10.08 -3.34
CA ALA A 345 -3.64 9.96 -2.82
C ALA A 345 -2.58 9.79 -3.94
N GLY A 346 -2.98 9.97 -5.20
CA GLY A 346 -2.07 9.97 -6.35
C GLY A 346 -1.63 8.63 -6.87
N TRP A 347 -2.32 7.54 -6.51
CA TRP A 347 -1.94 6.23 -7.03
C TRP A 347 -2.26 6.20 -8.54
N THR A 348 -1.31 5.73 -9.39
CA THR A 348 -1.57 5.61 -10.82
C THR A 348 -2.34 4.30 -11.10
N SER A 349 -2.32 3.34 -10.16
CA SER A 349 -3.01 2.05 -10.29
C SER A 349 -3.92 1.86 -9.06
N PRO A 350 -5.04 2.58 -9.00
CA PRO A 350 -5.88 2.52 -7.80
C PRO A 350 -6.79 1.29 -7.73
N HIS A 351 -7.00 0.60 -8.87
CA HIS A 351 -7.89 -0.57 -8.96
C HIS A 351 -7.43 -1.69 -8.04
N PRO A 352 -8.36 -2.51 -7.54
CA PRO A 352 -7.94 -3.59 -6.63
C PRO A 352 -7.37 -4.74 -7.42
N LEU A 353 -6.61 -5.61 -6.75
CA LEU A 353 -6.07 -6.75 -7.46
C LEU A 353 -7.25 -7.71 -7.74
N ARG A 354 -7.35 -8.14 -8.99
CA ARG A 354 -8.30 -9.16 -9.40
C ARG A 354 -7.48 -10.35 -9.84
N VAL A 355 -7.85 -11.54 -9.35
CA VAL A 355 -7.20 -12.78 -9.76
C VAL A 355 -8.30 -13.72 -10.26
N ARG A 356 -7.90 -14.87 -10.78
CA ARG A 356 -8.82 -15.92 -11.20
C ARG A 356 -8.59 -17.01 -10.19
N LEU A 357 -9.64 -17.76 -9.83
CA LEU A 357 -9.47 -18.81 -8.83
C LEU A 357 -10.51 -19.88 -9.02
N ARG A 358 -10.31 -21.02 -8.36
CA ARG A 358 -11.27 -22.13 -8.44
C ARG A 358 -12.09 -22.23 -7.18
N LEU A 359 -13.39 -22.51 -7.31
CA LEU A 359 -14.27 -22.66 -6.14
C LEU A 359 -14.02 -24.00 -5.45
N GLN A 360 -13.95 -24.00 -4.12
CA GLN A 360 -13.79 -25.24 -3.33
C GLN A 360 -15.13 -25.88 -3.04
N GLU A 361 -16.23 -25.16 -3.29
CA GLU A 361 -17.59 -25.67 -3.03
C GLU A 361 -18.54 -25.06 -4.03
N PRO A 362 -19.75 -25.62 -4.22
CA PRO A 362 -20.70 -24.98 -5.15
C PRO A 362 -21.29 -23.67 -4.61
N ILE A 363 -21.53 -22.71 -5.50
CA ILE A 363 -22.10 -21.43 -5.13
C ILE A 363 -23.22 -21.08 -6.11
N LYS A 364 -24.39 -20.71 -5.56
CA LYS A 364 -25.55 -20.28 -6.34
C LYS A 364 -25.41 -18.78 -6.61
N SER A 365 -25.36 -18.36 -7.88
CA SER A 365 -25.30 -16.93 -8.23
C SER A 365 -26.72 -16.36 -8.17
N ASP A 366 -26.84 -15.03 -8.10
CA ASP A 366 -28.15 -14.36 -8.02
C ASP A 366 -28.77 -14.19 -9.43
N PRO A 367 -30.08 -14.36 -9.63
CA PRO A 367 -30.63 -14.19 -10.98
C PRO A 367 -30.81 -12.73 -11.46
N ILE A 368 -30.77 -11.73 -10.55
CA ILE A 368 -31.04 -10.32 -10.87
C ILE A 368 -29.80 -9.44 -10.92
N ALA A 369 -28.91 -9.55 -9.92
CA ALA A 369 -27.75 -8.68 -9.85
C ALA A 369 -26.45 -9.46 -9.75
N PRO A 370 -25.34 -8.98 -10.35
CA PRO A 370 -24.04 -9.65 -10.12
C PRO A 370 -23.71 -9.60 -8.62
N GLU A 371 -23.29 -10.70 -8.03
CA GLU A 371 -23.02 -10.76 -6.60
C GLU A 371 -21.52 -10.66 -6.30
N PHE A 372 -21.16 -9.93 -5.22
CA PHE A 372 -19.80 -9.84 -4.69
C PHE A 372 -19.82 -10.77 -3.50
N HIS A 373 -19.62 -12.06 -3.77
CA HIS A 373 -19.74 -13.13 -2.77
C HIS A 373 -18.48 -13.19 -1.90
N ARG A 374 -18.60 -13.11 -0.56
CA ARG A 374 -17.41 -13.07 0.31
C ARG A 374 -16.76 -14.42 0.40
N ALA A 375 -15.42 -14.45 0.32
CA ALA A 375 -14.71 -15.71 0.35
C ALA A 375 -13.43 -15.61 1.13
N ILE A 376 -12.94 -16.76 1.57
CA ILE A 376 -11.61 -16.86 2.19
C ILE A 376 -10.82 -17.58 1.11
N ILE A 377 -9.82 -16.91 0.55
CA ILE A 377 -9.01 -17.51 -0.52
C ILE A 377 -7.59 -17.85 -0.04
N LYS A 378 -6.99 -18.83 -0.71
CA LYS A 378 -5.62 -19.21 -0.38
C LYS A 378 -4.96 -19.80 -1.60
N TRP A 379 -3.65 -19.73 -1.64
CA TRP A 379 -2.88 -20.28 -2.74
C TRP A 379 -2.56 -21.72 -2.41
N LYS A 380 -2.85 -22.65 -3.33
CA LYS A 380 -2.54 -24.06 -3.12
C LYS A 380 -1.59 -24.56 -4.19
N ASP A 381 -0.78 -25.59 -3.84
CA ASP A 381 0.14 -26.27 -4.76
C ASP A 381 -0.66 -26.99 -5.86
N ASN A 382 -1.87 -27.47 -5.49
CA ASN A 382 -2.82 -28.07 -6.42
C ASN A 382 -4.14 -27.37 -6.15
N ASP A 383 -4.65 -26.61 -7.13
CA ASP A 383 -5.92 -25.88 -6.95
C ASP A 383 -7.13 -26.78 -7.27
N GLY A 384 -6.88 -28.07 -7.52
CA GLY A 384 -7.90 -29.05 -7.92
C GLY A 384 -7.75 -29.48 -9.37
N SER A 385 -7.05 -28.67 -10.20
CA SER A 385 -6.86 -28.97 -11.62
C SER A 385 -5.46 -29.55 -11.96
N GLY A 386 -4.64 -29.83 -10.95
CA GLY A 386 -3.30 -30.37 -11.14
C GLY A 386 -2.20 -29.32 -11.23
N THR A 387 -2.53 -28.01 -11.19
CA THR A 387 -1.55 -26.93 -11.25
C THR A 387 -1.80 -26.00 -10.08
N PRO A 388 -0.77 -25.29 -9.55
CA PRO A 388 -1.01 -24.40 -8.41
C PRO A 388 -1.91 -23.23 -8.74
N GLY A 389 -2.56 -22.70 -7.73
CA GLY A 389 -3.49 -21.60 -7.97
C GLY A 389 -4.28 -21.26 -6.74
N PHE A 390 -5.03 -20.15 -6.83
CA PHE A 390 -5.88 -19.72 -5.73
C PHE A 390 -7.12 -20.56 -5.70
N VAL A 391 -7.65 -20.79 -4.49
CA VAL A 391 -8.92 -21.51 -4.31
C VAL A 391 -9.73 -20.68 -3.36
N ALA A 392 -11.05 -20.80 -3.41
CA ALA A 392 -11.93 -20.01 -2.52
C ALA A 392 -12.93 -20.85 -1.81
N GLU A 393 -13.20 -20.51 -0.55
CA GLU A 393 -14.30 -21.06 0.25
C GLU A 393 -15.23 -19.90 0.51
N SER A 394 -16.54 -20.15 0.42
CA SER A 394 -17.55 -19.16 0.75
C SER A 394 -17.52 -18.92 2.27
N THR A 395 -17.93 -17.73 2.72
CA THR A 395 -18.05 -17.49 4.16
C THR A 395 -19.44 -17.95 4.66
N GLY A 396 -20.26 -18.58 3.80
CA GLY A 396 -21.57 -19.10 4.19
C GLY A 396 -22.70 -18.25 3.67
N HIS A 397 -23.77 -18.07 4.49
N HIS A 397 -23.78 -18.09 4.47
CA HIS A 397 -24.94 -17.27 4.09
CA HIS A 397 -24.96 -17.29 4.09
C HIS A 397 -24.51 -15.85 3.77
C HIS A 397 -24.52 -15.87 3.77
N GLN A 398 -24.93 -15.32 2.60
CA GLN A 398 -24.50 -13.98 2.14
C GLN A 398 -25.51 -12.85 2.43
N MET A 399 -26.46 -13.05 3.33
CA MET A 399 -27.43 -11.98 3.61
C MET A 399 -26.73 -10.66 3.97
N SER A 400 -27.22 -9.53 3.44
CA SER A 400 -26.54 -8.23 3.67
C SER A 400 -26.52 -7.75 5.12
N SER A 401 -27.43 -8.29 5.96
CA SER A 401 -27.47 -7.96 7.37
C SER A 401 -26.47 -8.80 8.20
N ARG A 402 -25.84 -9.82 7.58
CA ARG A 402 -25.02 -10.80 8.29
C ARG A 402 -23.54 -10.43 8.16
N LEU A 403 -23.09 -9.60 9.09
CA LEU A 403 -21.69 -9.14 9.10
C LEU A 403 -20.72 -10.33 9.30
N LEU A 404 -21.20 -11.45 9.91
CA LEU A 404 -20.36 -12.66 10.01
C LEU A 404 -19.94 -13.17 8.63
N SER A 405 -20.68 -12.83 7.55
CA SER A 405 -20.27 -13.23 6.19
C SER A 405 -18.99 -12.45 5.72
N MET A 406 -18.59 -11.35 6.39
CA MET A 406 -17.36 -10.61 6.05
C MET A 406 -16.20 -11.11 6.88
N ARG A 407 -16.46 -11.85 7.97
CA ARG A 407 -15.44 -12.32 8.90
C ARG A 407 -14.36 -13.14 8.19
N SER A 408 -13.09 -12.69 8.28
CA SER A 408 -11.95 -13.37 7.64
C SER A 408 -12.01 -13.32 6.12
N ALA A 409 -13.00 -12.63 5.49
CA ALA A 409 -13.11 -12.66 4.02
C ALA A 409 -12.00 -11.80 3.43
N ASN A 410 -11.12 -12.42 2.65
CA ASN A 410 -10.03 -11.64 2.03
C ASN A 410 -10.28 -11.40 0.54
N ALA A 411 -11.45 -11.85 0.02
CA ALA A 411 -11.79 -11.60 -1.38
C ALA A 411 -13.28 -11.52 -1.58
N LEU A 412 -13.68 -10.93 -2.71
CA LEU A 412 -15.07 -10.86 -3.17
C LEU A 412 -15.13 -11.54 -4.52
N LEU A 413 -15.86 -12.68 -4.61
CA LEU A 413 -15.98 -13.42 -5.87
C LEU A 413 -16.97 -12.65 -6.72
N GLU A 414 -16.64 -12.40 -7.99
CA GLU A 414 -17.51 -11.64 -8.88
C GLU A 414 -18.37 -12.62 -9.64
N LEU A 415 -19.57 -12.87 -9.13
CA LEU A 415 -20.46 -13.84 -9.76
C LEU A 415 -21.40 -13.12 -10.72
N PRO A 416 -21.50 -13.53 -12.01
CA PRO A 416 -22.46 -12.86 -12.92
C PRO A 416 -23.91 -13.14 -12.53
N ALA A 417 -24.84 -12.30 -13.01
CA ALA A 417 -26.26 -12.41 -12.70
C ALA A 417 -26.95 -13.49 -13.58
N THR A 418 -26.45 -14.74 -13.57
CA THR A 418 -27.02 -15.84 -14.38
C THR A 418 -28.11 -16.58 -13.61
N GLY A 419 -27.95 -16.70 -12.30
CA GLY A 419 -28.87 -17.45 -11.46
C GLY A 419 -28.51 -18.93 -11.38
N ASN A 420 -27.42 -19.36 -12.06
CA ASN A 420 -27.01 -20.76 -12.10
C ASN A 420 -26.11 -21.14 -10.94
N VAL A 421 -26.07 -22.44 -10.64
CA VAL A 421 -25.20 -22.98 -9.61
C VAL A 421 -23.83 -23.18 -10.23
N LEU A 422 -22.81 -22.49 -9.69
CA LEU A 422 -21.43 -22.64 -10.14
C LEU A 422 -20.86 -23.77 -9.34
N SER A 423 -20.47 -24.85 -10.00
CA SER A 423 -20.00 -26.06 -9.32
C SER A 423 -18.63 -25.91 -8.72
N ALA A 424 -18.30 -26.78 -7.75
CA ALA A 424 -16.96 -26.82 -7.14
C ALA A 424 -15.97 -27.15 -8.26
N GLY A 425 -14.84 -26.45 -8.29
CA GLY A 425 -13.83 -26.62 -9.32
C GLY A 425 -13.96 -25.64 -10.47
N SER A 426 -15.11 -24.92 -10.62
CA SER A 426 -15.24 -23.92 -11.70
C SER A 426 -14.44 -22.66 -11.33
N SER A 427 -14.04 -21.89 -12.33
CA SER A 427 -13.20 -20.71 -12.13
C SER A 427 -13.99 -19.40 -12.17
N VAL A 428 -13.64 -18.46 -11.27
CA VAL A 428 -14.33 -17.17 -11.20
C VAL A 428 -13.29 -16.09 -10.98
N SER A 429 -13.67 -14.85 -11.24
CA SER A 429 -12.81 -13.70 -10.98
C SER A 429 -13.04 -13.32 -9.51
N ALA A 430 -12.00 -12.89 -8.82
CA ALA A 430 -12.11 -12.49 -7.42
C ALA A 430 -11.34 -11.20 -7.19
N ILE A 431 -11.94 -10.27 -6.43
CA ILE A 431 -11.30 -9.00 -6.06
C ILE A 431 -10.65 -9.27 -4.71
N ILE A 432 -9.34 -9.03 -4.58
CA ILE A 432 -8.64 -9.22 -3.31
C ILE A 432 -8.80 -7.93 -2.50
N VAL A 433 -9.37 -8.04 -1.28
CA VAL A 433 -9.69 -6.87 -0.45
C VAL A 433 -8.81 -6.74 0.78
N SER A 434 -7.91 -7.67 1.04
CA SER A 434 -7.06 -7.54 2.22
C SER A 434 -5.68 -7.99 1.86
N ASP A 435 -4.68 -7.29 2.42
CA ASP A 435 -3.25 -7.43 2.18
C ASP A 435 -2.91 -8.80 1.74
N ILE A 436 -2.59 -8.97 0.45
CA ILE A 436 -2.19 -10.24 -0.11
C ILE A 436 -0.91 -10.77 0.55
N SER A 437 -0.07 -9.89 1.16
CA SER A 437 1.19 -10.36 1.78
C SER A 437 0.90 -10.84 3.21
N ALA A 438 -0.33 -10.61 3.69
CA ALA A 438 -0.76 -11.07 5.01
C ALA A 438 -1.68 -12.30 4.85
N PHE A 439 -1.74 -12.93 3.62
CA PHE A 439 -2.56 -14.13 3.41
C PHE A 439 -2.01 -15.31 4.19
N SER A 440 -2.91 -16.05 4.89
CA SER A 440 -2.55 -17.26 5.61
C SER A 440 -2.29 -18.33 4.54
N ILE A 441 -1.16 -19.06 4.65
CA ILE A 441 -0.79 -20.07 3.65
C ILE A 441 -1.68 -21.30 3.75
N ASP A 442 -1.63 -22.17 2.73
CA ASP A 442 -2.39 -23.43 2.76
C ASP A 442 -1.69 -24.41 3.70
#